data_1JMK
#
_entry.id   1JMK
#
_cell.length_a   63.01
_cell.length_b   76.37
_cell.length_c   119.71
_cell.angle_alpha   90
_cell.angle_beta   90
_cell.angle_gamma   90
#
_symmetry.space_group_name_H-M   'P 21 21 21'
#
loop_
_entity.id
_entity.type
_entity.pdbx_description
1 polymer 'Surfactin Synthetase'
2 non-polymer 'SULFATE ION'
3 water water
#
_entity_poly.entity_id   1
_entity_poly.type   'polypeptide(L)'
_entity_poly.pdbx_seq_one_letter_code
;GGSDGLQDVTIMNQDQEQIIFAFPPVLGYGLMYQNLSSRLPSYKLCAFDFIEEEDRLDRYADLIQKLQPEGPLTLFGYSA
GCSLAFEAAKKLEGQGRIVQRIIMVDSYKKQGVSDLDGRTVESDVEALMNVNRDNEALNSEAVKHGLKQKTHAFYSYYVN
LISTGQVKADIDLLTSGADFDIPEWLASWEEATTGAYRMKRGFGTHAEMLQGETLDRNAGILLEFLNTQT
;
_entity_poly.pdbx_strand_id   C,O
#
# COMPACT_ATOMS: atom_id res chain seq x y z
N GLY A 1 -30.10 -25.57 4.84
CA GLY A 1 -31.26 -25.30 5.74
C GLY A 1 -31.42 -26.36 6.81
N GLY A 2 -32.66 -26.83 6.97
CA GLY A 2 -32.92 -27.86 7.96
C GLY A 2 -33.13 -27.28 9.36
N SER A 3 -32.06 -27.21 10.13
CA SER A 3 -32.13 -26.68 11.49
C SER A 3 -32.12 -25.15 11.47
N ASP A 4 -31.23 -24.57 10.67
CA ASP A 4 -31.13 -23.13 10.54
C ASP A 4 -30.23 -22.69 9.40
N GLY A 5 -30.45 -21.48 8.92
CA GLY A 5 -29.65 -20.96 7.82
C GLY A 5 -28.41 -20.22 8.31
N LEU A 6 -28.45 -19.75 9.56
CA LEU A 6 -27.32 -19.03 10.14
C LEU A 6 -26.31 -20.01 10.72
N GLN A 7 -26.17 -21.15 10.06
CA GLN A 7 -25.22 -22.14 10.51
C GLN A 7 -23.81 -21.70 10.11
N ASP A 8 -22.89 -21.81 11.06
CA ASP A 8 -21.49 -21.45 10.85
C ASP A 8 -21.19 -19.95 10.86
N VAL A 9 -22.09 -19.16 11.43
CA VAL A 9 -21.86 -17.73 11.50
C VAL A 9 -22.39 -17.15 12.81
N THR A 10 -21.67 -16.16 13.34
CA THR A 10 -22.04 -15.49 14.57
C THR A 10 -22.09 -13.99 14.26
N ILE A 11 -23.24 -13.37 14.51
CA ILE A 11 -23.40 -11.94 14.24
C ILE A 11 -23.10 -11.10 15.48
N MET A 12 -22.25 -10.08 15.32
CA MET A 12 -21.88 -9.18 16.42
C MET A 12 -22.25 -7.73 16.05
N ASN A 13 -22.57 -6.91 17.06
CA ASN A 13 -22.97 -5.51 16.83
C ASN A 13 -24.14 -5.51 15.84
N GLN A 14 -25.18 -6.28 16.17
CA GLN A 14 -26.32 -6.46 15.29
C GLN A 14 -27.18 -5.26 14.92
N ASP A 15 -27.04 -4.16 15.65
CA ASP A 15 -27.83 -2.97 15.34
C ASP A 15 -27.11 -1.99 14.42
N GLN A 16 -25.94 -2.37 13.92
CA GLN A 16 -25.18 -1.51 13.02
C GLN A 16 -25.52 -1.83 11.56
N GLU A 17 -25.25 -0.89 10.67
CA GLU A 17 -25.59 -1.06 9.25
C GLU A 17 -24.47 -1.57 8.35
N GLN A 18 -23.25 -1.08 8.56
CA GLN A 18 -22.11 -1.47 7.75
C GLN A 18 -21.64 -2.85 8.17
N ILE A 19 -21.60 -3.79 7.23
CA ILE A 19 -21.20 -5.16 7.54
C ILE A 19 -19.80 -5.55 7.09
N ILE A 20 -19.11 -6.31 7.95
CA ILE A 20 -17.79 -6.84 7.66
C ILE A 20 -17.95 -8.36 7.77
N PHE A 21 -17.55 -9.08 6.73
CA PHE A 21 -17.64 -10.55 6.78
C PHE A 21 -16.26 -11.03 7.16
N ALA A 22 -16.16 -11.62 8.34
CA ALA A 22 -14.87 -12.05 8.88
C ALA A 22 -14.64 -13.56 8.91
N PHE A 23 -13.48 -13.95 8.40
CA PHE A 23 -13.10 -15.36 8.38
C PHE A 23 -12.15 -15.58 9.57
N PRO A 24 -12.36 -16.68 10.31
CA PRO A 24 -11.58 -17.04 11.49
C PRO A 24 -10.12 -17.40 11.39
N PRO A 25 -9.41 -17.35 12.53
CA PRO A 25 -8.00 -17.73 12.52
C PRO A 25 -8.00 -19.25 12.43
N VAL A 26 -6.84 -19.87 12.39
CA VAL A 26 -6.74 -21.32 12.21
C VAL A 26 -7.52 -22.21 13.17
N LEU A 27 -7.85 -21.75 14.38
CA LEU A 27 -8.62 -22.57 15.30
C LEU A 27 -9.98 -22.88 14.71
N GLY A 28 -10.47 -21.98 13.87
CA GLY A 28 -11.74 -22.17 13.18
C GLY A 28 -13.03 -21.57 13.69
N TYR A 29 -12.99 -20.80 14.78
CA TYR A 29 -14.22 -20.22 15.31
C TYR A 29 -14.33 -18.70 15.30
N GLY A 30 -15.41 -18.21 14.70
CA GLY A 30 -15.64 -16.78 14.62
C GLY A 30 -15.79 -16.08 15.97
N LEU A 31 -16.18 -16.82 17.01
CA LEU A 31 -16.35 -16.21 18.32
C LEU A 31 -15.08 -15.57 18.84
N MET A 32 -13.94 -15.95 18.26
CA MET A 32 -12.67 -15.38 18.67
C MET A 32 -12.59 -13.88 18.36
N TYR A 33 -13.55 -13.38 17.58
CA TYR A 33 -13.57 -11.96 17.22
C TYR A 33 -14.51 -11.15 18.11
N GLN A 34 -15.04 -11.75 19.16
CA GLN A 34 -15.95 -11.02 20.04
C GLN A 34 -15.30 -9.78 20.63
N ASN A 35 -14.05 -9.89 21.08
CA ASN A 35 -13.40 -8.72 21.67
C ASN A 35 -13.09 -7.67 20.60
N LEU A 36 -12.66 -8.11 19.42
CA LEU A 36 -12.39 -7.18 18.32
C LEU A 36 -13.67 -6.38 18.02
N SER A 37 -14.81 -7.07 18.03
CA SER A 37 -16.07 -6.40 17.72
C SER A 37 -16.36 -5.22 18.63
N SER A 38 -15.95 -5.29 19.90
CA SER A 38 -16.21 -4.19 20.82
C SER A 38 -15.38 -2.96 20.47
N ARG A 39 -14.33 -3.16 19.68
CA ARG A 39 -13.45 -2.07 19.25
C ARG A 39 -13.84 -1.51 17.89
N LEU A 40 -14.83 -2.14 17.25
CA LEU A 40 -15.34 -1.69 15.96
C LEU A 40 -16.85 -1.52 16.15
N PRO A 41 -17.25 -0.69 17.12
CA PRO A 41 -18.66 -0.44 17.43
C PRO A 41 -19.59 0.01 16.30
N SER A 42 -19.05 0.67 15.29
CA SER A 42 -19.91 1.14 14.19
C SER A 42 -20.03 0.13 13.06
N TYR A 43 -19.52 -1.07 13.25
CA TYR A 43 -19.60 -2.11 12.23
C TYR A 43 -20.28 -3.38 12.71
N LYS A 44 -21.10 -3.97 11.84
CA LYS A 44 -21.77 -5.21 12.15
C LYS A 44 -20.83 -6.30 11.65
N LEU A 45 -20.45 -7.23 12.52
CA LEU A 45 -19.55 -8.31 12.14
C LEU A 45 -20.26 -9.65 11.99
N CYS A 46 -20.11 -10.25 10.81
CA CYS A 46 -20.67 -11.58 10.58
C CYS A 46 -19.43 -12.45 10.62
N ALA A 47 -19.18 -13.06 11.77
CA ALA A 47 -18.00 -13.89 11.98
C ALA A 47 -18.26 -15.35 11.70
N PHE A 48 -17.63 -15.86 10.65
CA PHE A 48 -17.78 -17.25 10.23
C PHE A 48 -16.93 -18.23 11.01
N ASP A 49 -17.38 -19.49 11.03
CA ASP A 49 -16.60 -20.58 11.60
C ASP A 49 -16.02 -21.21 10.34
N PHE A 50 -15.01 -22.06 10.49
CA PHE A 50 -14.47 -22.73 9.32
C PHE A 50 -15.45 -23.84 8.91
N ILE A 51 -15.84 -23.84 7.63
CA ILE A 51 -16.73 -24.86 7.09
C ILE A 51 -15.80 -25.93 6.50
N GLU A 52 -15.87 -27.14 7.05
CA GLU A 52 -14.97 -28.21 6.65
C GLU A 52 -15.22 -28.88 5.29
N GLU A 53 -16.48 -28.89 4.85
CA GLU A 53 -16.83 -29.51 3.57
C GLU A 53 -16.06 -28.92 2.38
N GLU A 54 -15.88 -29.75 1.36
CA GLU A 54 -15.16 -29.34 0.16
C GLU A 54 -15.80 -28.18 -0.60
N ASP A 55 -17.11 -28.02 -0.47
CA ASP A 55 -17.79 -26.93 -1.16
C ASP A 55 -18.00 -25.74 -0.23
N ARG A 56 -17.09 -25.55 0.70
CA ARG A 56 -17.19 -24.46 1.65
C ARG A 56 -17.35 -23.09 1.00
N LEU A 57 -16.70 -22.86 -0.15
CA LEU A 57 -16.80 -21.56 -0.80
C LEU A 57 -18.22 -21.30 -1.30
N ASP A 58 -18.89 -22.33 -1.79
CA ASP A 58 -20.26 -22.15 -2.24
C ASP A 58 -21.15 -21.82 -1.06
N ARG A 59 -20.86 -22.45 0.08
CA ARG A 59 -21.63 -22.23 1.31
C ARG A 59 -21.40 -20.82 1.85
N TYR A 60 -20.16 -20.35 1.83
CA TYR A 60 -19.89 -19.00 2.33
C TYR A 60 -20.57 -17.98 1.41
N ALA A 61 -20.46 -18.17 0.10
CA ALA A 61 -21.06 -17.22 -0.83
C ALA A 61 -22.58 -17.15 -0.62
N ASP A 62 -23.19 -18.30 -0.34
CA ASP A 62 -24.62 -18.35 -0.11
C ASP A 62 -25.00 -17.59 1.16
N LEU A 63 -24.19 -17.76 2.21
CA LEU A 63 -24.45 -17.06 3.46
C LEU A 63 -24.30 -15.56 3.26
N ILE A 64 -23.29 -15.15 2.52
CA ILE A 64 -23.05 -13.73 2.28
C ILE A 64 -24.19 -13.14 1.44
N GLN A 65 -24.64 -13.90 0.44
CA GLN A 65 -25.73 -13.43 -0.41
C GLN A 65 -26.99 -13.19 0.42
N LYS A 66 -27.19 -14.01 1.46
CA LYS A 66 -28.35 -13.88 2.33
C LYS A 66 -28.20 -12.73 3.33
N LEU A 67 -26.99 -12.56 3.84
CA LEU A 67 -26.71 -11.53 4.84
C LEU A 67 -26.58 -10.12 4.25
N GLN A 68 -26.09 -10.02 3.02
CA GLN A 68 -25.96 -8.74 2.33
C GLN A 68 -26.14 -9.00 0.84
N PRO A 69 -27.39 -9.14 0.38
CA PRO A 69 -27.69 -9.41 -1.04
C PRO A 69 -27.21 -8.39 -2.06
N GLU A 70 -27.08 -7.13 -1.66
CA GLU A 70 -26.64 -6.10 -2.60
C GLU A 70 -25.53 -5.20 -2.05
N GLY A 71 -24.91 -4.44 -2.94
CA GLY A 71 -23.86 -3.52 -2.53
C GLY A 71 -22.48 -4.12 -2.45
N PRO A 72 -21.44 -3.26 -2.32
CA PRO A 72 -20.04 -3.67 -2.21
C PRO A 72 -19.81 -4.41 -0.91
N LEU A 73 -18.95 -5.43 -0.96
CA LEU A 73 -18.67 -6.24 0.23
C LEU A 73 -17.30 -5.96 0.82
N THR A 74 -17.21 -6.06 2.15
CA THR A 74 -15.95 -5.86 2.86
C THR A 74 -15.67 -7.17 3.61
N LEU A 75 -14.53 -7.80 3.30
CA LEU A 75 -14.15 -9.05 3.96
C LEU A 75 -12.95 -8.80 4.89
N PHE A 76 -12.77 -9.70 5.84
CA PHE A 76 -11.71 -9.57 6.83
C PHE A 76 -11.16 -10.93 7.19
N GLY A 77 -9.86 -10.99 7.47
CA GLY A 77 -9.26 -12.26 7.85
C GLY A 77 -8.06 -12.05 8.76
N TYR A 78 -7.75 -13.06 9.55
CA TYR A 78 -6.60 -13.07 10.46
C TYR A 78 -6.07 -14.51 10.44
N SER A 79 -4.74 -14.67 10.42
CA SER A 79 -4.18 -16.02 10.41
C SER A 79 -4.65 -16.75 9.15
N ALA A 80 -4.99 -18.02 9.26
CA ALA A 80 -5.44 -18.79 8.09
C ALA A 80 -6.68 -18.15 7.46
N GLY A 81 -7.38 -17.35 8.24
CA GLY A 81 -8.56 -16.69 7.71
C GLY A 81 -8.24 -15.72 6.58
N CYS A 82 -7.00 -15.25 6.50
CA CYS A 82 -6.62 -14.34 5.42
C CYS A 82 -6.68 -15.06 4.08
N SER A 83 -6.16 -16.29 4.05
CA SER A 83 -6.16 -17.06 2.82
C SER A 83 -7.60 -17.43 2.46
N LEU A 84 -8.39 -17.77 3.46
CA LEU A 84 -9.79 -18.14 3.20
C LEU A 84 -10.56 -16.92 2.68
N ALA A 85 -10.28 -15.74 3.22
CA ALA A 85 -10.95 -14.53 2.79
C ALA A 85 -10.59 -14.22 1.33
N PHE A 86 -9.34 -14.47 0.96
CA PHE A 86 -8.90 -14.23 -0.41
C PHE A 86 -9.65 -15.18 -1.36
N GLU A 87 -9.74 -16.45 -0.96
CA GLU A 87 -10.42 -17.44 -1.79
C GLU A 87 -11.91 -17.13 -1.89
N ALA A 88 -12.50 -16.64 -0.79
CA ALA A 88 -13.91 -16.27 -0.79
C ALA A 88 -14.12 -15.06 -1.70
N ALA A 89 -13.16 -14.13 -1.69
CA ALA A 89 -13.29 -12.94 -2.54
C ALA A 89 -13.29 -13.35 -4.02
N LYS A 90 -12.41 -14.26 -4.40
CA LYS A 90 -12.36 -14.71 -5.80
C LYS A 90 -13.69 -15.37 -6.15
N LYS A 91 -14.24 -16.13 -5.22
CA LYS A 91 -15.51 -16.82 -5.43
C LYS A 91 -16.62 -15.79 -5.67
N LEU A 92 -16.69 -14.81 -4.78
CA LEU A 92 -17.71 -13.76 -4.87
C LEU A 92 -17.58 -12.92 -6.14
N GLU A 93 -16.35 -12.53 -6.51
CA GLU A 93 -16.17 -11.73 -7.72
C GLU A 93 -16.53 -12.57 -8.94
N GLY A 94 -16.29 -13.88 -8.85
CA GLY A 94 -16.63 -14.76 -9.95
C GLY A 94 -18.13 -14.93 -10.09
N GLN A 95 -18.87 -14.57 -9.06
CA GLN A 95 -20.33 -14.66 -9.07
C GLN A 95 -20.93 -13.33 -9.50
N GLY A 96 -20.08 -12.33 -9.68
CA GLY A 96 -20.58 -11.03 -10.11
C GLY A 96 -20.75 -9.99 -9.02
N ARG A 97 -20.37 -10.32 -7.79
CA ARG A 97 -20.47 -9.36 -6.69
C ARG A 97 -19.24 -8.48 -6.69
N ILE A 98 -19.38 -7.28 -6.14
CA ILE A 98 -18.25 -6.36 -6.03
C ILE A 98 -17.71 -6.47 -4.61
N VAL A 99 -16.42 -6.78 -4.49
CA VAL A 99 -15.76 -6.87 -3.20
C VAL A 99 -14.89 -5.61 -3.17
N GLN A 100 -15.27 -4.66 -2.32
CA GLN A 100 -14.55 -3.39 -2.21
C GLN A 100 -13.17 -3.54 -1.62
N ARG A 101 -13.05 -4.36 -0.58
CA ARG A 101 -11.75 -4.53 0.04
C ARG A 101 -11.71 -5.73 0.95
N ILE A 102 -10.50 -6.22 1.18
CA ILE A 102 -10.27 -7.35 2.08
C ILE A 102 -9.22 -6.83 3.06
N ILE A 103 -9.53 -6.90 4.35
CA ILE A 103 -8.59 -6.45 5.37
C ILE A 103 -7.95 -7.70 5.95
N MET A 104 -6.61 -7.74 5.93
CA MET A 104 -5.86 -8.89 6.39
C MET A 104 -5.03 -8.54 7.60
N VAL A 105 -5.01 -9.42 8.59
CA VAL A 105 -4.19 -9.18 9.77
C VAL A 105 -3.04 -10.17 9.83
N ASP A 106 -1.86 -9.65 9.52
CA ASP A 106 -0.59 -10.38 9.55
C ASP A 106 -0.48 -11.77 8.97
N SER A 107 -1.03 -12.00 7.78
CA SER A 107 -0.88 -13.31 7.16
C SER A 107 -0.64 -13.06 5.68
N TYR A 108 0.06 -13.98 5.02
CA TYR A 108 0.37 -13.82 3.61
C TYR A 108 -0.25 -14.83 2.67
N LYS A 109 -0.04 -14.61 1.36
CA LYS A 109 -0.62 -15.47 0.35
C LYS A 109 0.09 -16.80 0.21
N LYS A 110 -0.69 -17.86 0.15
CA LYS A 110 -0.18 -19.20 0.01
C LYS A 110 0.35 -19.38 -1.41
N GLN A 111 1.64 -19.64 -1.55
CA GLN A 111 2.26 -19.79 -2.84
C GLN A 111 2.66 -21.23 -3.12
N GLY A 112 2.79 -22.01 -2.04
CA GLY A 112 3.16 -23.40 -2.17
C GLY A 112 2.72 -24.19 -0.96
N VAL A 113 2.75 -25.51 -1.06
CA VAL A 113 2.36 -26.37 0.04
C VAL A 113 3.34 -26.19 1.19
N SER A 114 4.62 -26.20 0.85
CA SER A 114 5.69 -26.05 1.83
C SER A 114 7.01 -25.77 1.11
N SER A 123 1.09 -22.85 10.56
CA SER A 123 2.41 -22.91 11.26
C SER A 123 2.34 -22.19 12.60
N ASP A 124 1.28 -21.41 12.80
CA ASP A 124 1.10 -20.68 14.05
C ASP A 124 -0.01 -21.35 14.85
N VAL A 125 -0.31 -22.60 14.49
CA VAL A 125 -1.35 -23.38 15.14
C VAL A 125 -1.11 -23.65 16.62
N GLU A 126 0.10 -24.08 16.98
CA GLU A 126 0.40 -24.37 18.38
C GLU A 126 0.36 -23.10 19.22
N ALA A 127 0.90 -22.01 18.68
CA ALA A 127 0.90 -20.74 19.40
C ALA A 127 -0.55 -20.37 19.70
N LEU A 128 -1.39 -20.37 18.68
CA LEU A 128 -2.79 -20.04 18.90
C LEU A 128 -3.48 -21.05 19.82
N MET A 129 -3.13 -22.32 19.68
CA MET A 129 -3.74 -23.34 20.55
C MET A 129 -3.33 -23.10 21.99
N ASN A 130 -2.08 -22.68 22.19
CA ASN A 130 -1.59 -22.41 23.53
C ASN A 130 -2.34 -21.24 24.15
N VAL A 131 -2.54 -20.20 23.36
CA VAL A 131 -3.24 -19.01 23.84
C VAL A 131 -4.62 -19.29 24.44
N ASN A 132 -5.41 -20.12 23.76
CA ASN A 132 -6.75 -20.42 24.25
C ASN A 132 -6.93 -21.81 24.84
N ARG A 133 -5.87 -22.33 25.46
CA ARG A 133 -5.94 -23.65 26.08
C ARG A 133 -7.12 -23.73 27.03
N ASP A 134 -7.34 -22.68 27.80
CA ASP A 134 -8.45 -22.63 28.74
C ASP A 134 -9.31 -21.38 28.52
N ASN A 135 -9.92 -21.32 27.34
CA ASN A 135 -10.78 -20.19 27.00
C ASN A 135 -12.24 -20.58 27.15
N GLU A 136 -12.96 -19.89 28.04
CA GLU A 136 -14.37 -20.18 28.29
C GLU A 136 -15.17 -20.28 26.99
N ALA A 137 -15.01 -19.29 26.12
CA ALA A 137 -15.72 -19.25 24.85
C ALA A 137 -15.66 -20.57 24.10
N LEU A 138 -14.45 -21.09 23.91
CA LEU A 138 -14.25 -22.36 23.20
C LEU A 138 -14.50 -23.55 24.11
N ASN A 139 -15.19 -23.32 25.22
CA ASN A 139 -15.48 -24.38 26.17
C ASN A 139 -16.96 -24.78 26.17
N SER A 140 -17.78 -24.01 25.47
CA SER A 140 -19.21 -24.29 25.39
C SER A 140 -19.44 -25.70 24.87
N GLU A 141 -20.67 -26.18 24.99
CA GLU A 141 -20.99 -27.53 24.54
C GLU A 141 -20.92 -27.62 23.01
N ALA A 142 -21.39 -26.58 22.33
CA ALA A 142 -21.39 -26.54 20.88
C ALA A 142 -19.99 -26.59 20.27
N VAL A 143 -19.05 -25.91 20.93
CA VAL A 143 -17.67 -25.86 20.43
C VAL A 143 -16.84 -27.06 20.83
N LYS A 144 -16.76 -27.32 22.13
CA LYS A 144 -15.97 -28.43 22.66
C LYS A 144 -16.06 -29.71 21.83
N HIS A 145 -17.27 -30.04 21.40
CA HIS A 145 -17.48 -31.25 20.62
C HIS A 145 -16.70 -31.32 19.31
N GLY A 146 -16.76 -30.25 18.51
CA GLY A 146 -16.06 -30.25 17.25
C GLY A 146 -14.78 -29.44 17.13
N LEU A 147 -14.32 -28.87 18.25
CA LEU A 147 -13.11 -28.05 18.24
C LEU A 147 -11.86 -28.73 17.68
N LYS A 148 -11.53 -29.91 18.20
CA LYS A 148 -10.36 -30.64 17.75
C LYS A 148 -10.37 -30.85 16.24
N GLN A 149 -11.48 -31.40 15.75
CA GLN A 149 -11.61 -31.69 14.33
C GLN A 149 -11.63 -30.43 13.46
N LYS A 150 -12.31 -29.38 13.92
CA LYS A 150 -12.35 -28.16 13.11
C LYS A 150 -10.98 -27.51 12.97
N THR A 151 -10.20 -27.47 14.04
CA THR A 151 -8.86 -26.87 13.96
C THR A 151 -7.99 -27.71 13.03
N HIS A 152 -8.07 -29.03 13.15
CA HIS A 152 -7.29 -29.91 12.31
C HIS A 152 -7.64 -29.72 10.84
N ALA A 153 -8.94 -29.59 10.57
CA ALA A 153 -9.44 -29.40 9.20
C ALA A 153 -8.96 -28.09 8.57
N PHE A 154 -9.00 -27.01 9.36
CA PHE A 154 -8.58 -25.71 8.84
C PHE A 154 -7.07 -25.73 8.61
N TYR A 155 -6.35 -26.35 9.53
CA TYR A 155 -4.90 -26.46 9.42
C TYR A 155 -4.56 -27.22 8.12
N SER A 156 -5.25 -28.34 7.91
CA SER A 156 -5.02 -29.18 6.73
C SER A 156 -5.34 -28.40 5.46
N TYR A 157 -6.40 -27.61 5.49
CA TYR A 157 -6.79 -26.80 4.34
C TYR A 157 -5.68 -25.79 4.01
N TYR A 158 -5.20 -25.10 5.04
CA TYR A 158 -4.16 -24.08 4.88
C TYR A 158 -2.83 -24.62 4.33
N VAL A 159 -2.31 -25.68 4.95
CA VAL A 159 -1.04 -26.23 4.51
C VAL A 159 -1.02 -26.67 3.06
N ASN A 160 -2.12 -27.23 2.59
CA ASN A 160 -2.20 -27.71 1.20
C ASN A 160 -2.69 -26.68 0.19
N LEU A 161 -3.22 -25.57 0.67
CA LEU A 161 -3.73 -24.54 -0.22
C LEU A 161 -2.66 -23.85 -1.06
N ILE A 162 -2.98 -23.61 -2.33
CA ILE A 162 -2.08 -22.88 -3.22
C ILE A 162 -2.99 -21.87 -3.92
N SER A 163 -2.91 -20.61 -3.47
CA SER A 163 -3.75 -19.56 -4.03
C SER A 163 -3.17 -18.97 -5.30
N THR A 164 -3.98 -18.96 -6.35
CA THR A 164 -3.57 -18.41 -7.63
C THR A 164 -4.56 -17.32 -8.03
N GLY A 165 -4.25 -16.63 -9.12
CA GLY A 165 -5.15 -15.60 -9.61
C GLY A 165 -5.11 -14.29 -8.85
N GLN A 166 -6.05 -13.41 -9.17
CA GLN A 166 -6.13 -12.10 -8.54
C GLN A 166 -7.57 -11.70 -8.23
N VAL A 167 -7.71 -10.71 -7.37
CA VAL A 167 -9.01 -10.14 -7.05
C VAL A 167 -8.92 -8.68 -7.49
N LYS A 168 -10.06 -8.03 -7.66
CA LYS A 168 -10.07 -6.63 -8.05
C LYS A 168 -10.13 -5.79 -6.78
N ALA A 169 -10.56 -6.41 -5.69
CA ALA A 169 -10.69 -5.74 -4.40
C ALA A 169 -9.37 -5.17 -3.88
N ASP A 170 -9.43 -4.05 -3.18
CA ASP A 170 -8.24 -3.48 -2.59
C ASP A 170 -7.91 -4.41 -1.45
N ILE A 171 -6.64 -4.46 -1.05
CA ILE A 171 -6.24 -5.33 0.05
C ILE A 171 -5.44 -4.49 1.03
N ASP A 172 -5.88 -4.50 2.29
CA ASP A 172 -5.19 -3.76 3.36
C ASP A 172 -4.61 -4.80 4.32
N LEU A 173 -3.34 -4.63 4.66
CA LEU A 173 -2.66 -5.56 5.55
C LEU A 173 -2.09 -4.87 6.79
N LEU A 174 -2.47 -5.38 7.95
CA LEU A 174 -1.96 -4.88 9.22
C LEU A 174 -0.85 -5.87 9.58
N THR A 175 0.39 -5.40 9.63
CA THR A 175 1.52 -6.29 9.94
C THR A 175 1.90 -6.26 11.41
N SER A 176 2.45 -7.38 11.88
CA SER A 176 2.88 -7.54 13.26
C SER A 176 3.97 -6.54 13.63
N GLY A 177 4.05 -6.19 14.91
CA GLY A 177 5.05 -5.25 15.37
C GLY A 177 6.44 -5.87 15.35
N ALA A 178 6.50 -7.19 15.20
CA ALA A 178 7.76 -7.91 15.17
C ALA A 178 8.24 -8.16 13.74
N ASP A 179 9.56 -8.28 13.58
CA ASP A 179 10.14 -8.52 12.26
C ASP A 179 9.75 -9.92 11.77
N PHE A 180 9.65 -10.06 10.45
CA PHE A 180 9.28 -11.34 9.86
C PHE A 180 9.88 -11.51 8.47
N ASP A 181 10.37 -12.71 8.18
CA ASP A 181 10.94 -13.01 6.88
C ASP A 181 10.01 -13.96 6.13
N ILE A 182 9.37 -13.44 5.09
CA ILE A 182 8.43 -14.22 4.29
C ILE A 182 9.02 -15.54 3.78
N PRO A 183 8.40 -16.68 4.13
CA PRO A 183 8.85 -18.00 3.70
C PRO A 183 8.72 -18.18 2.20
N GLU A 184 9.35 -19.23 1.67
CA GLU A 184 9.30 -19.49 0.23
C GLU A 184 7.91 -19.88 -0.24
N TRP A 185 7.13 -20.51 0.63
CA TRP A 185 5.78 -20.91 0.27
C TRP A 185 4.75 -19.81 0.48
N LEU A 186 5.22 -18.62 0.85
CA LEU A 186 4.33 -17.49 1.08
C LEU A 186 4.78 -16.31 0.22
N ALA A 187 3.86 -15.38 -0.03
CA ALA A 187 4.17 -14.20 -0.83
C ALA A 187 3.33 -13.02 -0.38
N SER A 188 3.78 -11.81 -0.69
CA SER A 188 3.01 -10.63 -0.32
C SER A 188 1.77 -10.64 -1.20
N TRP A 189 0.80 -9.80 -0.88
CA TRP A 189 -0.43 -9.74 -1.66
C TRP A 189 -0.35 -8.79 -2.85
N GLU A 190 0.82 -8.18 -3.07
CA GLU A 190 1.01 -7.23 -4.17
C GLU A 190 0.47 -7.70 -5.52
N GLU A 191 0.92 -8.87 -5.98
CA GLU A 191 0.47 -9.39 -7.27
C GLU A 191 -0.87 -10.10 -7.20
N ALA A 192 -1.47 -10.14 -6.02
CA ALA A 192 -2.76 -10.82 -5.85
C ALA A 192 -3.97 -9.93 -6.13
N THR A 193 -3.75 -8.64 -6.33
CA THR A 193 -4.85 -7.72 -6.59
C THR A 193 -4.52 -6.73 -7.69
N THR A 194 -5.52 -6.36 -8.48
CA THR A 194 -5.32 -5.37 -9.53
C THR A 194 -5.71 -4.01 -8.93
N GLY A 195 -6.14 -4.05 -7.67
CA GLY A 195 -6.51 -2.83 -6.96
C GLY A 195 -5.32 -2.32 -6.18
N ALA A 196 -5.58 -1.57 -5.10
CA ALA A 196 -4.50 -1.04 -4.29
C ALA A 196 -4.16 -2.00 -3.16
N TYR A 197 -2.87 -2.13 -2.87
CA TYR A 197 -2.38 -2.98 -1.80
C TYR A 197 -1.79 -2.03 -0.77
N ARG A 198 -2.36 -2.02 0.43
CA ARG A 198 -1.88 -1.10 1.47
C ARG A 198 -1.48 -1.87 2.71
N MET A 199 -0.43 -1.40 3.37
CA MET A 199 0.03 -2.04 4.59
C MET A 199 0.46 -0.99 5.61
N LYS A 200 0.30 -1.33 6.89
CA LYS A 200 0.72 -0.43 7.96
C LYS A 200 1.16 -1.33 9.09
N ARG A 201 2.25 -0.95 9.75
CA ARG A 201 2.79 -1.73 10.86
C ARG A 201 1.95 -1.54 12.11
N GLY A 202 1.56 -2.66 12.70
CA GLY A 202 0.75 -2.65 13.90
C GLY A 202 1.54 -2.99 15.14
N PHE A 203 0.86 -3.54 16.14
CA PHE A 203 1.52 -3.87 17.40
C PHE A 203 1.41 -5.33 17.82
N GLY A 204 2.44 -5.80 18.53
CA GLY A 204 2.46 -7.16 19.02
C GLY A 204 2.96 -8.23 18.07
N THR A 205 3.12 -9.44 18.60
CA THR A 205 3.56 -10.56 17.79
C THR A 205 2.29 -11.12 17.14
N HIS A 206 2.48 -11.93 16.10
CA HIS A 206 1.36 -12.52 15.37
C HIS A 206 0.20 -13.06 16.18
N ALA A 207 0.51 -13.94 17.13
CA ALA A 207 -0.51 -14.59 17.93
C ALA A 207 -1.30 -13.78 18.96
N GLU A 208 -0.88 -12.53 19.21
CA GLU A 208 -1.56 -11.69 20.21
C GLU A 208 -2.20 -10.42 19.67
N MET A 209 -2.13 -10.21 18.36
CA MET A 209 -2.65 -8.98 17.78
C MET A 209 -4.10 -8.58 18.00
N LEU A 210 -4.99 -9.55 18.13
CA LEU A 210 -6.40 -9.20 18.30
C LEU A 210 -6.95 -9.50 19.69
N GLN A 211 -6.08 -9.39 20.70
CA GLN A 211 -6.48 -9.63 22.08
C GLN A 211 -5.70 -8.70 23.01
N GLY A 212 -6.16 -8.59 24.25
CA GLY A 212 -5.49 -7.76 25.23
C GLY A 212 -5.31 -6.29 24.87
N GLU A 213 -4.22 -5.72 25.37
CA GLU A 213 -3.90 -4.32 25.14
C GLU A 213 -3.44 -4.03 23.71
N THR A 214 -2.82 -5.00 23.06
CA THR A 214 -2.38 -4.75 21.69
C THR A 214 -3.60 -4.61 20.80
N LEU A 215 -4.70 -5.26 21.18
CA LEU A 215 -5.93 -5.16 20.38
C LEU A 215 -6.40 -3.71 20.29
N ASP A 216 -6.40 -3.01 21.42
CA ASP A 216 -6.85 -1.63 21.40
C ASP A 216 -6.01 -0.82 20.41
N ARG A 217 -4.70 -1.03 20.46
CA ARG A 217 -3.79 -0.33 19.56
C ARG A 217 -4.04 -0.71 18.10
N ASN A 218 -4.17 -2.00 17.83
CA ASN A 218 -4.41 -2.44 16.46
C ASN A 218 -5.77 -2.07 15.90
N ALA A 219 -6.79 -2.06 16.74
CA ALA A 219 -8.14 -1.72 16.30
C ALA A 219 -8.17 -0.32 15.70
N GLY A 220 -7.34 0.58 16.24
CA GLY A 220 -7.30 1.93 15.72
C GLY A 220 -6.86 1.95 14.26
N ILE A 221 -5.87 1.13 13.93
CA ILE A 221 -5.38 1.06 12.56
C ILE A 221 -6.44 0.40 11.66
N LEU A 222 -7.10 -0.62 12.17
CA LEU A 222 -8.14 -1.29 11.38
C LEU A 222 -9.25 -0.29 11.06
N LEU A 223 -9.56 0.59 12.00
CA LEU A 223 -10.59 1.60 11.75
C LEU A 223 -10.12 2.60 10.70
N GLU A 224 -8.82 2.86 10.65
CA GLU A 224 -8.28 3.77 9.64
C GLU A 224 -8.52 3.12 8.27
N PHE A 225 -8.25 1.82 8.17
CA PHE A 225 -8.45 1.11 6.92
C PHE A 225 -9.92 1.18 6.51
N LEU A 226 -10.79 0.86 7.45
CA LEU A 226 -12.23 0.85 7.19
C LEU A 226 -12.83 2.20 6.85
N ASN A 227 -12.33 3.24 7.49
CA ASN A 227 -12.85 4.60 7.27
C ASN A 227 -12.20 5.30 6.09
N THR A 228 -11.54 4.54 5.22
CA THR A 228 -10.90 5.11 4.04
C THR A 228 -11.86 5.11 2.86
N GLN A 229 -11.77 6.14 2.03
CA GLN A 229 -12.64 6.25 0.86
C GLN A 229 -11.98 7.11 -0.21
N THR A 230 -12.48 7.00 -1.44
CA THR A 230 -11.97 7.77 -2.56
C THR A 230 -13.12 8.44 -3.30
N GLY B 1 17.72 33.62 -3.05
CA GLY B 1 17.15 33.54 -4.43
C GLY B 1 17.94 34.35 -5.44
N GLY B 2 18.53 35.45 -4.98
CA GLY B 2 19.30 36.30 -5.87
C GLY B 2 18.43 37.13 -6.80
N SER B 3 18.69 37.02 -8.09
CA SER B 3 17.93 37.76 -9.09
C SER B 3 16.70 36.99 -9.55
N ASP B 4 16.47 35.81 -8.97
CA ASP B 4 15.32 34.99 -9.34
C ASP B 4 15.01 34.00 -8.22
N GLY B 5 14.04 34.34 -7.38
CA GLY B 5 13.67 33.48 -6.26
C GLY B 5 13.07 32.16 -6.68
N LEU B 6 12.53 32.09 -7.90
CA LEU B 6 11.92 30.86 -8.40
C LEU B 6 12.75 30.20 -9.50
N GLN B 7 14.06 30.40 -9.46
CA GLN B 7 14.93 29.82 -10.49
C GLN B 7 14.85 28.30 -10.63
N ASP B 8 14.66 27.59 -9.52
CA ASP B 8 14.61 26.13 -9.58
C ASP B 8 13.20 25.54 -9.47
N VAL B 9 12.19 26.32 -9.83
CA VAL B 9 10.83 25.83 -9.76
C VAL B 9 10.01 26.30 -10.96
N THR B 10 9.07 25.47 -11.37
CA THR B 10 8.17 25.80 -12.48
C THR B 10 6.76 25.56 -11.95
N ILE B 11 5.93 26.60 -12.00
CA ILE B 11 4.57 26.48 -11.50
C ILE B 11 3.59 26.15 -12.63
N MET B 12 2.75 25.14 -12.39
CA MET B 12 1.77 24.71 -13.39
C MET B 12 0.36 24.73 -12.81
N ASN B 13 -0.65 24.97 -13.65
CA ASN B 13 -2.04 25.05 -13.20
C ASN B 13 -2.06 26.13 -12.11
N GLN B 14 -1.50 27.29 -12.44
CA GLN B 14 -1.37 28.38 -11.48
C GLN B 14 -2.63 28.95 -10.83
N ASP B 15 -3.79 28.73 -11.43
CA ASP B 15 -5.02 29.27 -10.86
C ASP B 15 -5.68 28.30 -9.88
N GLN B 16 -5.05 27.15 -9.67
CA GLN B 16 -5.59 26.15 -8.74
C GLN B 16 -5.12 26.42 -7.31
N GLU B 17 -5.86 25.89 -6.33
CA GLU B 17 -5.53 26.12 -4.92
C GLU B 17 -4.71 25.02 -4.23
N GLN B 18 -5.06 23.76 -4.46
CA GLN B 18 -4.34 22.64 -3.86
C GLN B 18 -2.99 22.44 -4.53
N ILE B 19 -1.92 22.47 -3.75
CA ILE B 19 -0.57 22.33 -4.28
C ILE B 19 0.07 20.95 -4.09
N ILE B 20 0.83 20.54 -5.10
CA ILE B 20 1.59 19.29 -5.06
C ILE B 20 3.01 19.72 -5.36
N PHE B 21 3.94 19.37 -4.48
CA PHE B 21 5.34 19.72 -4.69
C PHE B 21 6.00 18.52 -5.35
N ALA B 22 6.41 18.69 -6.60
CA ALA B 22 6.98 17.58 -7.36
C ALA B 22 8.47 17.66 -7.61
N PHE B 23 9.15 16.55 -7.34
CA PHE B 23 10.58 16.43 -7.56
C PHE B 23 10.75 15.73 -8.91
N PRO B 24 11.67 16.23 -9.75
CA PRO B 24 11.96 15.72 -11.09
C PRO B 24 12.56 14.35 -11.31
N PRO B 25 12.42 13.82 -12.54
CA PRO B 25 13.00 12.52 -12.84
C PRO B 25 14.52 12.77 -12.88
N VAL B 26 15.30 11.72 -13.12
CA VAL B 26 16.76 11.87 -13.12
C VAL B 26 17.34 12.93 -14.07
N LEU B 27 16.64 13.23 -15.16
CA LEU B 27 17.14 14.26 -16.09
C LEU B 27 17.25 15.59 -15.35
N GLY B 28 16.47 15.76 -14.31
CA GLY B 28 16.55 16.95 -13.48
C GLY B 28 15.69 18.18 -13.70
N TYR B 29 14.79 18.15 -14.68
CA TYR B 29 13.96 19.32 -14.94
C TYR B 29 12.47 19.10 -14.70
N GLY B 30 11.91 19.98 -13.87
CA GLY B 30 10.49 19.87 -13.54
C GLY B 30 9.54 20.09 -14.70
N LEU B 31 10.01 20.81 -15.72
CA LEU B 31 9.19 21.08 -16.89
C LEU B 31 8.70 19.79 -17.56
N MET B 32 9.40 18.68 -17.29
CA MET B 32 9.03 17.41 -17.87
C MET B 32 7.65 16.93 -17.40
N TYR B 33 7.11 17.60 -16.38
CA TYR B 33 5.79 17.25 -15.83
C TYR B 33 4.66 18.08 -16.45
N GLN B 34 4.97 18.88 -17.48
CA GLN B 34 3.94 19.71 -18.09
C GLN B 34 2.75 18.87 -18.57
N ASN B 35 3.04 17.77 -19.26
CA ASN B 35 1.95 16.91 -19.74
C ASN B 35 1.14 16.36 -18.58
N LEU B 36 1.82 15.91 -17.53
CA LEU B 36 1.12 15.38 -16.36
C LEU B 36 0.18 16.41 -15.77
N SER B 37 0.62 17.66 -15.71
CA SER B 37 -0.19 18.72 -15.14
C SER B 37 -1.56 18.85 -15.80
N SER B 38 -1.64 18.60 -17.11
CA SER B 38 -2.92 18.70 -17.81
C SER B 38 -3.88 17.57 -17.40
N ARG B 39 -3.32 16.50 -16.81
CA ARG B 39 -4.15 15.38 -16.37
C ARG B 39 -4.54 15.51 -14.90
N LEU B 40 -4.01 16.53 -14.22
CA LEU B 40 -4.31 16.80 -12.81
C LEU B 40 -4.75 18.25 -12.71
N PRO B 41 -5.78 18.64 -13.50
CA PRO B 41 -6.33 20.00 -13.55
C PRO B 41 -6.75 20.66 -12.24
N SER B 42 -7.05 19.89 -11.21
CA SER B 42 -7.48 20.47 -9.95
C SER B 42 -6.33 20.73 -8.98
N TYR B 43 -5.10 20.45 -9.41
CA TYR B 43 -3.94 20.66 -8.57
C TYR B 43 -2.92 21.60 -9.19
N LYS B 44 -2.33 22.45 -8.36
CA LYS B 44 -1.29 23.36 -8.83
C LYS B 44 0.02 22.65 -8.55
N LEU B 45 0.80 22.42 -9.61
CA LEU B 45 2.06 21.72 -9.46
C LEU B 45 3.25 22.64 -9.36
N CYS B 46 4.01 22.50 -8.28
CA CYS B 46 5.23 23.30 -8.11
C CYS B 46 6.31 22.27 -8.39
N ALA B 47 6.75 22.24 -9.65
CA ALA B 47 7.75 21.28 -10.12
C ALA B 47 9.18 21.81 -10.01
N PHE B 48 9.95 21.17 -9.15
CA PHE B 48 11.34 21.56 -8.92
C PHE B 48 12.32 21.00 -9.92
N ASP B 49 13.47 21.67 -10.03
CA ASP B 49 14.55 21.19 -10.88
C ASP B 49 15.51 20.62 -9.84
N PHE B 50 16.49 19.84 -10.27
CA PHE B 50 17.46 19.31 -9.32
C PHE B 50 18.43 20.43 -8.96
N ILE B 51 18.56 20.72 -7.67
CA ILE B 51 19.48 21.74 -7.19
C ILE B 51 20.81 21.03 -6.96
N GLU B 52 21.83 21.44 -7.72
CA GLU B 52 23.14 20.80 -7.64
C GLU B 52 23.98 21.06 -6.39
N GLU B 53 23.71 22.15 -5.68
CA GLU B 53 24.48 22.45 -4.47
C GLU B 53 24.23 21.44 -3.35
N GLU B 54 25.22 21.29 -2.47
CA GLU B 54 25.11 20.33 -1.37
C GLU B 54 24.05 20.68 -0.31
N ASP B 55 23.60 21.93 -0.27
CA ASP B 55 22.58 22.33 0.69
C ASP B 55 21.21 22.32 0.04
N ARG B 56 21.05 21.49 -0.99
CA ARG B 56 19.79 21.41 -1.72
C ARG B 56 18.57 21.16 -0.83
N LEU B 57 18.70 20.30 0.18
CA LEU B 57 17.55 20.03 1.04
C LEU B 57 17.06 21.27 1.79
N ASP B 58 17.98 22.11 2.24
CA ASP B 58 17.58 23.32 2.94
C ASP B 58 16.92 24.28 1.97
N ARG B 59 17.43 24.32 0.74
CA ARG B 59 16.88 25.20 -0.29
C ARG B 59 15.47 24.76 -0.66
N TYR B 60 15.24 23.46 -0.78
CA TYR B 60 13.91 22.95 -1.10
C TYR B 60 12.98 23.28 0.06
N ALA B 61 13.46 23.09 1.27
CA ALA B 61 12.63 23.37 2.45
C ALA B 61 12.23 24.84 2.45
N ASP B 62 13.19 25.72 2.14
CA ASP B 62 12.93 27.16 2.09
C ASP B 62 11.88 27.51 1.03
N LEU B 63 12.00 26.91 -0.14
CA LEU B 63 11.07 27.14 -1.23
C LEU B 63 9.66 26.68 -0.90
N ILE B 64 9.54 25.51 -0.29
CA ILE B 64 8.24 24.97 0.07
C ILE B 64 7.58 25.83 1.13
N GLN B 65 8.35 26.21 2.14
CA GLN B 65 7.83 27.06 3.22
C GLN B 65 7.33 28.37 2.61
N LYS B 66 8.00 28.82 1.56
CA LYS B 66 7.64 30.06 0.88
C LYS B 66 6.40 29.90 0.02
N LEU B 67 6.31 28.77 -0.68
CA LEU B 67 5.17 28.49 -1.57
C LEU B 67 3.90 28.03 -0.83
N GLN B 68 4.07 27.42 0.35
CA GLN B 68 2.93 26.97 1.14
C GLN B 68 3.33 27.00 2.62
N PRO B 69 3.26 28.19 3.24
CA PRO B 69 3.61 28.42 4.64
C PRO B 69 2.87 27.55 5.66
N GLU B 70 1.60 27.24 5.40
CA GLU B 70 0.83 26.43 6.34
C GLU B 70 0.05 25.30 5.70
N GLY B 71 -0.47 24.41 6.54
CA GLY B 71 -1.26 23.28 6.06
C GLY B 71 -0.42 22.05 5.75
N PRO B 72 -1.05 20.87 5.64
CA PRO B 72 -0.32 19.63 5.34
C PRO B 72 0.26 19.70 3.93
N LEU B 73 1.41 19.07 3.74
CA LEU B 73 2.08 19.08 2.45
C LEU B 73 1.93 17.76 1.71
N THR B 74 1.84 17.84 0.38
CA THR B 74 1.76 16.65 -0.45
C THR B 74 2.94 16.73 -1.40
N LEU B 75 3.81 15.72 -1.38
CA LEU B 75 4.98 15.68 -2.25
C LEU B 75 4.81 14.60 -3.31
N PHE B 76 5.56 14.73 -4.40
CA PHE B 76 5.47 13.79 -5.50
C PHE B 76 6.85 13.58 -6.11
N GLY B 77 7.10 12.38 -6.59
CA GLY B 77 8.37 12.09 -7.22
C GLY B 77 8.22 11.00 -8.27
N TYR B 78 9.10 11.01 -9.25
CA TYR B 78 9.13 9.99 -10.30
C TYR B 78 10.61 9.72 -10.54
N SER B 79 10.96 8.46 -10.75
CA SER B 79 12.36 8.11 -10.98
C SER B 79 13.16 8.55 -9.76
N ALA B 80 14.35 9.12 -9.99
CA ALA B 80 15.21 9.59 -8.91
C ALA B 80 14.53 10.62 -8.01
N GLY B 81 13.52 11.29 -8.55
CA GLY B 81 12.81 12.29 -7.76
C GLY B 81 12.14 11.70 -6.52
N CYS B 82 11.86 10.41 -6.55
CA CYS B 82 11.24 9.74 -5.42
C CYS B 82 12.18 9.81 -4.22
N SER B 83 13.46 9.56 -4.47
CA SER B 83 14.47 9.62 -3.41
C SER B 83 14.60 11.04 -2.86
N LEU B 84 14.60 12.03 -3.74
CA LEU B 84 14.70 13.42 -3.31
C LEU B 84 13.49 13.81 -2.47
N ALA B 85 12.32 13.36 -2.88
CA ALA B 85 11.09 13.68 -2.15
C ALA B 85 11.14 13.10 -0.75
N PHE B 86 11.68 11.88 -0.61
CA PHE B 86 11.78 11.24 0.69
C PHE B 86 12.76 12.03 1.57
N GLU B 87 13.89 12.41 0.99
CA GLU B 87 14.89 13.16 1.74
C GLU B 87 14.35 14.54 2.12
N ALA B 88 13.57 15.16 1.22
CA ALA B 88 13.00 16.47 1.49
C ALA B 88 11.91 16.36 2.56
N ALA B 89 11.16 15.26 2.53
CA ALA B 89 10.10 15.04 3.52
C ALA B 89 10.71 14.96 4.92
N LYS B 90 11.82 14.24 5.05
CA LYS B 90 12.47 14.11 6.35
C LYS B 90 12.87 15.49 6.87
N LYS B 91 13.42 16.31 5.99
CA LYS B 91 13.85 17.65 6.35
C LYS B 91 12.66 18.48 6.83
N LEU B 92 11.56 18.43 6.07
CA LEU B 92 10.35 19.17 6.40
C LEU B 92 9.70 18.76 7.72
N GLU B 93 9.58 17.46 7.95
CA GLU B 93 8.98 17.00 9.19
C GLU B 93 9.88 17.39 10.37
N GLY B 94 11.18 17.48 10.10
CA GLY B 94 12.11 17.86 11.14
C GLY B 94 11.92 19.31 11.53
N GLN B 95 11.37 20.10 10.62
CA GLN B 95 11.12 21.52 10.87
C GLN B 95 9.72 21.76 11.44
N GLY B 96 9.01 20.68 11.72
CA GLY B 96 7.68 20.80 12.29
C GLY B 96 6.53 20.78 11.30
N ARG B 97 6.83 20.75 10.00
CA ARG B 97 5.76 20.72 9.01
C ARG B 97 5.15 19.33 8.94
N ILE B 98 3.89 19.28 8.56
CA ILE B 98 3.17 18.02 8.43
C ILE B 98 3.16 17.61 6.96
N VAL B 99 3.76 16.46 6.67
CA VAL B 99 3.76 15.95 5.30
C VAL B 99 2.68 14.88 5.30
N GLN B 100 1.56 15.18 4.64
CA GLN B 100 0.42 14.28 4.55
C GLN B 100 0.73 12.99 3.80
N ARG B 101 1.34 13.12 2.63
CA ARG B 101 1.65 11.95 1.83
C ARG B 101 2.71 12.24 0.79
N ILE B 102 3.38 11.20 0.35
CA ILE B 102 4.39 11.32 -0.70
C ILE B 102 3.95 10.32 -1.75
N ILE B 103 3.70 10.80 -2.98
CA ILE B 103 3.30 9.94 -4.08
C ILE B 103 4.54 9.66 -4.93
N MET B 104 4.87 8.38 -5.02
CA MET B 104 6.06 7.88 -5.73
C MET B 104 5.66 7.18 -7.02
N VAL B 105 6.38 7.44 -8.11
CA VAL B 105 6.08 6.76 -9.35
C VAL B 105 7.28 5.90 -9.78
N ASP B 106 7.08 4.59 -9.69
CA ASP B 106 8.04 3.57 -10.07
C ASP B 106 9.51 3.76 -9.73
N SER B 107 9.81 3.98 -8.45
CA SER B 107 11.19 4.14 -8.02
C SER B 107 11.25 3.66 -6.58
N TYR B 108 12.42 3.15 -6.16
CA TYR B 108 12.56 2.63 -4.82
C TYR B 108 13.58 3.32 -3.94
N LYS B 109 13.59 2.94 -2.67
CA LYS B 109 14.50 3.54 -1.69
C LYS B 109 15.92 3.02 -1.85
N LYS B 110 16.89 3.94 -1.81
CA LYS B 110 18.30 3.57 -1.92
C LYS B 110 18.75 2.94 -0.60
N GLN B 111 19.29 1.74 -0.67
CA GLN B 111 19.74 1.02 0.52
C GLN B 111 21.27 0.91 0.48
N GLY B 112 21.84 1.20 -0.67
CA GLY B 112 23.28 1.14 -0.84
C GLY B 112 23.69 1.78 -2.14
N VAL B 113 25.00 1.85 -2.40
CA VAL B 113 25.51 2.44 -3.63
C VAL B 113 25.08 1.58 -4.81
N SER B 114 24.54 2.22 -5.84
CA SER B 114 24.08 1.51 -7.03
C SER B 114 25.23 0.79 -7.72
N ASP B 115 24.97 -0.43 -8.15
CA ASP B 115 25.97 -1.22 -8.85
C ASP B 115 25.73 -1.02 -10.34
N LEU B 116 26.67 -0.36 -11.00
CA LEU B 116 26.53 -0.08 -12.43
C LEU B 116 27.15 -1.17 -13.31
N ASP B 117 27.48 -2.31 -12.71
CA ASP B 117 28.06 -3.41 -13.46
C ASP B 117 29.30 -2.97 -14.24
N GLY B 118 29.26 -3.16 -15.56
CA GLY B 118 30.39 -2.77 -16.39
C GLY B 118 30.18 -1.42 -17.06
N ARG B 119 29.26 -0.62 -16.52
CA ARG B 119 28.97 0.69 -17.08
C ARG B 119 29.54 1.78 -16.18
N THR B 120 29.35 3.03 -16.58
CA THR B 120 29.84 4.17 -15.82
C THR B 120 28.77 5.27 -15.77
N VAL B 121 28.93 6.22 -14.87
CA VAL B 121 27.97 7.30 -14.77
C VAL B 121 27.90 8.01 -16.12
N GLU B 122 29.08 8.25 -16.71
CA GLU B 122 29.16 8.92 -18.00
C GLU B 122 28.31 8.26 -19.10
N SER B 123 28.42 6.95 -19.26
CA SER B 123 27.63 6.27 -20.29
C SER B 123 26.14 6.21 -19.96
N ASP B 124 25.81 6.00 -18.69
CA ASP B 124 24.40 5.94 -18.30
C ASP B 124 23.72 7.29 -18.53
N VAL B 125 24.45 8.37 -18.26
CA VAL B 125 23.92 9.72 -18.46
C VAL B 125 23.65 9.97 -19.93
N GLU B 126 24.57 9.54 -20.79
CA GLU B 126 24.40 9.71 -22.23
C GLU B 126 23.16 8.96 -22.69
N ALA B 127 22.90 7.81 -22.07
CA ALA B 127 21.75 6.99 -22.42
C ALA B 127 20.45 7.64 -21.92
N LEU B 128 20.45 8.08 -20.67
CA LEU B 128 19.28 8.73 -20.09
C LEU B 128 18.87 9.95 -20.90
N MET B 129 19.82 10.55 -21.60
CA MET B 129 19.55 11.72 -22.42
C MET B 129 19.14 11.32 -23.83
N ASN B 130 19.16 10.02 -24.10
CA ASN B 130 18.78 9.50 -25.40
C ASN B 130 17.34 9.01 -25.34
N VAL B 131 16.96 8.47 -24.18
CA VAL B 131 15.61 7.96 -23.98
C VAL B 131 14.61 9.12 -24.05
N ASN B 132 15.11 10.33 -23.88
CA ASN B 132 14.28 11.53 -23.93
C ASN B 132 14.86 12.55 -24.90
N ARG B 133 15.45 12.08 -25.99
CA ARG B 133 16.04 12.97 -26.98
C ARG B 133 14.96 13.79 -27.69
N ASP B 134 13.75 13.22 -27.79
CA ASP B 134 12.64 13.91 -28.44
C ASP B 134 11.55 14.23 -27.43
N ASN B 135 11.77 15.28 -26.65
CA ASN B 135 10.82 15.72 -25.64
C ASN B 135 10.82 17.25 -25.58
N GLU B 136 9.72 17.84 -26.04
CA GLU B 136 9.58 19.30 -26.07
C GLU B 136 9.99 19.99 -24.77
N ALA B 137 9.77 19.32 -23.64
CA ALA B 137 10.13 19.88 -22.36
C ALA B 137 11.63 20.17 -22.28
N LEU B 138 12.41 19.33 -22.97
CA LEU B 138 13.87 19.49 -22.97
C LEU B 138 14.37 20.45 -24.03
N ASN B 139 13.47 21.24 -24.60
CA ASN B 139 13.84 22.22 -25.61
C ASN B 139 14.39 23.45 -24.90
N SER B 140 14.42 24.58 -25.58
CA SER B 140 14.92 25.83 -25.00
C SER B 140 16.39 25.75 -24.65
N GLU B 141 17.10 26.86 -24.83
CA GLU B 141 18.52 26.92 -24.54
C GLU B 141 18.76 26.80 -23.04
N ALA B 142 17.73 27.09 -22.25
CA ALA B 142 17.81 27.02 -20.80
C ALA B 142 18.15 25.59 -20.37
N VAL B 143 17.31 24.65 -20.76
CA VAL B 143 17.51 23.25 -20.41
C VAL B 143 18.69 22.64 -21.15
N LYS B 144 18.79 22.93 -22.44
CA LYS B 144 19.87 22.39 -23.26
C LYS B 144 21.26 22.82 -22.81
N HIS B 145 21.38 24.04 -22.31
CA HIS B 145 22.66 24.55 -21.86
C HIS B 145 23.19 23.85 -20.60
N GLY B 146 22.28 23.25 -19.83
CA GLY B 146 22.72 22.59 -18.61
C GLY B 146 22.18 21.19 -18.37
N LEU B 147 21.49 20.63 -19.36
CA LEU B 147 20.92 19.29 -19.23
C LEU B 147 21.96 18.23 -18.87
N LYS B 148 23.08 18.24 -19.56
CA LYS B 148 24.14 17.27 -19.31
C LYS B 148 24.66 17.37 -17.88
N GLN B 149 25.06 18.58 -17.48
CA GLN B 149 25.59 18.82 -16.15
C GLN B 149 24.59 18.47 -15.05
N LYS B 150 23.32 18.82 -15.25
CA LYS B 150 22.31 18.55 -14.24
C LYS B 150 21.98 17.06 -14.15
N THR B 151 21.90 16.38 -15.28
CA THR B 151 21.60 14.96 -15.28
C THR B 151 22.76 14.20 -14.63
N HIS B 152 23.98 14.61 -14.94
CA HIS B 152 25.16 13.97 -14.39
C HIS B 152 25.16 14.14 -12.87
N ALA B 153 24.86 15.34 -12.40
CA ALA B 153 24.84 15.64 -10.98
C ALA B 153 23.73 14.87 -10.24
N PHE B 154 22.55 14.81 -10.85
CA PHE B 154 21.44 14.11 -10.20
C PHE B 154 21.68 12.60 -10.19
N TYR B 155 22.17 12.05 -11.31
CA TYR B 155 22.43 10.62 -11.35
C TYR B 155 23.54 10.24 -10.37
N SER B 156 24.57 11.07 -10.29
CA SER B 156 25.67 10.80 -9.37
C SER B 156 25.13 10.80 -7.95
N TYR B 157 24.26 11.77 -7.64
CA TYR B 157 23.65 11.87 -6.33
C TYR B 157 22.84 10.60 -6.01
N TYR B 158 22.03 10.18 -6.98
CA TYR B 158 21.19 9.00 -6.82
C TYR B 158 22.00 7.72 -6.64
N VAL B 159 23.03 7.54 -7.47
CA VAL B 159 23.86 6.34 -7.39
C VAL B 159 24.57 6.20 -6.04
N ASN B 160 25.05 7.30 -5.49
CA ASN B 160 25.76 7.27 -4.22
C ASN B 160 24.92 7.44 -2.97
N LEU B 161 23.64 7.72 -3.15
CA LEU B 161 22.74 7.94 -2.03
C LEU B 161 22.35 6.66 -1.29
N ILE B 162 22.31 6.77 0.03
CA ILE B 162 21.89 5.69 0.92
C ILE B 162 20.93 6.36 1.87
N SER B 163 19.64 6.12 1.69
CA SER B 163 18.62 6.74 2.52
C SER B 163 18.33 5.95 3.79
N THR B 164 18.25 6.66 4.91
CA THR B 164 17.97 6.05 6.20
C THR B 164 16.81 6.77 6.86
N GLY B 165 16.38 6.27 8.01
CA GLY B 165 15.30 6.91 8.72
C GLY B 165 13.91 6.63 8.18
N GLN B 166 12.93 7.33 8.74
CA GLN B 166 11.55 7.16 8.32
C GLN B 166 10.82 8.50 8.34
N VAL B 167 9.66 8.52 7.69
CA VAL B 167 8.81 9.70 7.66
C VAL B 167 7.50 9.24 8.27
N LYS B 168 6.67 10.19 8.71
CA LYS B 168 5.39 9.82 9.28
C LYS B 168 4.37 9.80 8.16
N ALA B 169 4.68 10.52 7.09
CA ALA B 169 3.78 10.63 5.93
C ALA B 169 3.43 9.30 5.29
N ASP B 170 2.21 9.20 4.76
CA ASP B 170 1.80 7.99 4.07
C ASP B 170 2.58 8.03 2.77
N ILE B 171 2.86 6.86 2.19
CA ILE B 171 3.58 6.79 0.93
C ILE B 171 2.76 5.96 -0.05
N ASP B 172 2.48 6.53 -1.23
CA ASP B 172 1.72 5.83 -2.26
C ASP B 172 2.69 5.57 -3.41
N LEU B 173 2.69 4.34 -3.93
CA LEU B 173 3.58 4.00 -5.03
C LEU B 173 2.84 3.44 -6.24
N LEU B 174 3.05 4.05 -7.41
CA LEU B 174 2.46 3.58 -8.65
C LEU B 174 3.57 2.81 -9.36
N THR B 175 3.37 1.51 -9.58
CA THR B 175 4.39 0.69 -10.23
C THR B 175 4.13 0.54 -11.74
N SER B 176 5.19 0.37 -12.51
CA SER B 176 5.05 0.22 -13.96
C SER B 176 4.47 -1.14 -14.32
N GLY B 177 3.94 -1.24 -15.53
CA GLY B 177 3.35 -2.49 -15.99
C GLY B 177 4.38 -3.58 -16.22
N ALA B 178 5.64 -3.18 -16.39
CA ALA B 178 6.72 -4.13 -16.65
C ALA B 178 7.21 -4.78 -15.36
N ASP B 179 7.46 -6.09 -15.42
CA ASP B 179 7.96 -6.83 -14.26
C ASP B 179 9.32 -6.27 -13.85
N PHE B 180 9.71 -6.53 -12.62
CA PHE B 180 10.99 -6.04 -12.12
C PHE B 180 11.38 -6.71 -10.80
N ASP B 181 12.67 -6.99 -10.64
CA ASP B 181 13.19 -7.60 -9.43
C ASP B 181 14.05 -6.57 -8.70
N ILE B 182 13.58 -6.13 -7.54
CA ILE B 182 14.30 -5.13 -6.75
C ILE B 182 15.74 -5.58 -6.44
N PRO B 183 16.73 -4.83 -6.93
CA PRO B 183 18.16 -5.12 -6.71
C PRO B 183 18.54 -5.03 -5.24
N GLU B 184 19.72 -5.58 -4.94
CA GLU B 184 20.26 -5.59 -3.58
C GLU B 184 20.43 -4.20 -2.96
N TRP B 185 20.73 -3.20 -3.79
CA TRP B 185 20.94 -1.85 -3.28
C TRP B 185 19.66 -1.01 -3.19
N LEU B 186 18.52 -1.61 -3.48
CA LEU B 186 17.23 -0.91 -3.41
C LEU B 186 16.29 -1.65 -2.46
N ALA B 187 15.26 -0.96 -1.98
CA ALA B 187 14.30 -1.58 -1.06
C ALA B 187 12.93 -0.93 -1.22
N SER B 188 11.88 -1.62 -0.80
CA SER B 188 10.54 -1.06 -0.90
C SER B 188 10.45 0.05 0.14
N TRP B 189 9.39 0.84 0.08
CA TRP B 189 9.21 1.93 1.02
C TRP B 189 8.50 1.52 2.31
N GLU B 190 8.19 0.23 2.45
CA GLU B 190 7.48 -0.27 3.63
C GLU B 190 8.02 0.21 4.98
N GLU B 191 9.32 0.04 5.20
CA GLU B 191 9.93 0.44 6.47
C GLU B 191 10.30 1.92 6.53
N ALA B 192 10.13 2.63 5.42
CA ALA B 192 10.46 4.04 5.34
C ALA B 192 9.39 4.96 5.93
N THR B 193 8.25 4.41 6.30
CA THR B 193 7.17 5.22 6.89
C THR B 193 6.50 4.53 8.06
N THR B 194 6.07 5.32 9.04
CA THR B 194 5.36 4.78 10.19
C THR B 194 3.88 4.90 9.89
N GLY B 195 3.58 5.45 8.71
CA GLY B 195 2.21 5.60 8.27
C GLY B 195 1.85 4.41 7.40
N ALA B 196 0.94 4.61 6.46
CA ALA B 196 0.53 3.53 5.56
C ALA B 196 1.33 3.56 4.26
N TYR B 197 1.65 2.37 3.75
CA TYR B 197 2.38 2.23 2.49
C TYR B 197 1.39 1.58 1.53
N ARG B 198 1.10 2.26 0.44
CA ARG B 198 0.14 1.77 -0.54
C ARG B 198 0.77 1.70 -1.93
N MET B 199 0.44 0.65 -2.66
CA MET B 199 0.97 0.50 -4.02
C MET B 199 -0.11 -0.01 -4.96
N LYS B 200 -0.01 0.36 -6.22
CA LYS B 200 -0.96 -0.10 -7.22
C LYS B 200 -0.22 -0.25 -8.54
N ARG B 201 -0.53 -1.31 -9.26
CA ARG B 201 0.10 -1.56 -10.55
C ARG B 201 -0.44 -0.60 -11.60
N GLY B 202 0.46 0.08 -12.30
CA GLY B 202 0.07 1.03 -13.33
C GLY B 202 0.31 0.47 -14.73
N PHE B 203 0.40 1.36 -15.72
CA PHE B 203 0.60 0.94 -17.10
C PHE B 203 1.90 1.42 -17.74
N GLY B 204 2.37 0.65 -18.72
CA GLY B 204 3.58 0.99 -19.45
C GLY B 204 4.91 0.65 -18.80
N THR B 205 5.99 0.92 -19.53
CA THR B 205 7.33 0.66 -19.02
C THR B 205 7.71 1.88 -18.19
N HIS B 206 8.78 1.76 -17.41
CA HIS B 206 9.23 2.86 -16.57
C HIS B 206 9.30 4.20 -17.29
N ALA B 207 9.98 4.24 -18.43
CA ALA B 207 10.15 5.48 -19.19
C ALA B 207 8.91 6.05 -19.89
N GLU B 208 7.87 5.23 -20.07
CA GLU B 208 6.67 5.70 -20.77
C GLU B 208 5.44 5.94 -19.89
N MET B 209 5.59 5.75 -18.58
CA MET B 209 4.48 5.93 -17.65
C MET B 209 3.81 7.29 -17.62
N LEU B 210 4.59 8.36 -17.69
CA LEU B 210 4.03 9.71 -17.63
C LEU B 210 4.01 10.45 -18.96
N GLN B 211 3.63 9.74 -20.02
CA GLN B 211 3.54 10.33 -21.35
C GLN B 211 2.61 9.50 -22.25
N GLY B 212 2.09 10.15 -23.29
CA GLY B 212 1.21 9.45 -24.20
C GLY B 212 -0.09 8.96 -23.59
N GLU B 213 -0.65 7.91 -24.17
CA GLU B 213 -1.90 7.33 -23.68
C GLU B 213 -1.67 6.65 -22.33
N THR B 214 -0.44 6.22 -22.09
CA THR B 214 -0.10 5.55 -20.85
C THR B 214 -0.32 6.54 -19.70
N LEU B 215 -0.02 7.80 -19.95
CA LEU B 215 -0.18 8.87 -18.97
C LEU B 215 -1.65 9.03 -18.59
N ASP B 216 -2.52 8.98 -19.60
CA ASP B 216 -3.95 9.13 -19.36
C ASP B 216 -4.45 8.11 -18.34
N ARG B 217 -4.03 6.86 -18.50
CA ARG B 217 -4.44 5.79 -17.60
C ARG B 217 -3.82 5.91 -16.22
N ASN B 218 -2.51 6.16 -16.17
CA ASN B 218 -1.82 6.29 -14.89
C ASN B 218 -2.30 7.49 -14.08
N ALA B 219 -2.66 8.57 -14.78
CA ALA B 219 -3.14 9.77 -14.10
C ALA B 219 -4.40 9.43 -13.30
N GLY B 220 -5.22 8.53 -13.84
CA GLY B 220 -6.43 8.15 -13.15
C GLY B 220 -6.11 7.55 -11.79
N ILE B 221 -5.07 6.74 -11.74
CA ILE B 221 -4.65 6.11 -10.49
C ILE B 221 -4.06 7.14 -9.54
N LEU B 222 -3.27 8.07 -10.08
CA LEU B 222 -2.68 9.09 -9.23
C LEU B 222 -3.80 9.90 -8.58
N LEU B 223 -4.87 10.17 -9.35
CA LEU B 223 -5.99 10.92 -8.81
C LEU B 223 -6.68 10.12 -7.70
N GLU B 224 -6.66 8.79 -7.83
CA GLU B 224 -7.24 7.93 -6.81
C GLU B 224 -6.43 8.14 -5.52
N PHE B 225 -5.11 8.13 -5.65
CA PHE B 225 -4.23 8.33 -4.50
C PHE B 225 -4.51 9.70 -3.86
N LEU B 226 -4.55 10.74 -4.68
CA LEU B 226 -4.80 12.09 -4.21
C LEU B 226 -6.17 12.29 -3.56
N ASN B 227 -7.20 11.62 -4.09
CA ASN B 227 -8.54 11.76 -3.55
C ASN B 227 -8.85 10.85 -2.37
N THR B 228 -7.81 10.32 -1.74
CA THR B 228 -7.97 9.43 -0.60
C THR B 228 -8.15 10.19 0.71
N GLN B 229 -9.19 9.82 1.45
CA GLN B 229 -9.49 10.44 2.73
C GLN B 229 -9.80 9.34 3.75
N THR B 230 -9.52 9.61 5.02
CA THR B 230 -9.77 8.64 6.07
C THR B 230 -9.94 9.33 7.42
#